data_304D
# 
_entry.id   304D 
# 
_audit_conform.dict_name       mmcif_pdbx.dic 
_audit_conform.dict_version    5.389 
_audit_conform.dict_location   http://mmcif.pdb.org/dictionaries/ascii/mmcif_pdbx.dic 
# 
loop_
_database_2.database_id 
_database_2.database_code 
_database_2.pdbx_database_accession 
_database_2.pdbx_DOI 
PDB   304D         pdb_0000304d 10.2210/pdb304d/pdb 
RCSB  GDLB49       ?            ?                   
WWPDB D_1000178772 ?            ?                   
# 
loop_
_pdbx_audit_revision_history.ordinal 
_pdbx_audit_revision_history.data_content_type 
_pdbx_audit_revision_history.major_revision 
_pdbx_audit_revision_history.minor_revision 
_pdbx_audit_revision_history.revision_date 
1 'Structure model' 1 0 1997-09-25 
2 'Structure model' 1 1 2008-05-22 
3 'Structure model' 1 2 2011-07-13 
4 'Structure model' 1 3 2024-02-21 
5 'Structure model' 1 4 2024-04-03 
# 
_pdbx_audit_revision_details.ordinal             1 
_pdbx_audit_revision_details.revision_ordinal    1 
_pdbx_audit_revision_details.data_content_type   'Structure model' 
_pdbx_audit_revision_details.provider            repository 
_pdbx_audit_revision_details.type                'Initial release' 
_pdbx_audit_revision_details.description         ? 
_pdbx_audit_revision_details.details             ? 
# 
loop_
_pdbx_audit_revision_group.ordinal 
_pdbx_audit_revision_group.revision_ordinal 
_pdbx_audit_revision_group.data_content_type 
_pdbx_audit_revision_group.group 
1 2 'Structure model' 'Version format compliance' 
2 3 'Structure model' 'Version format compliance' 
3 4 'Structure model' 'Data collection'           
4 4 'Structure model' 'Database references'       
5 4 'Structure model' 'Derived calculations'      
6 5 'Structure model' 'Refinement description'    
# 
loop_
_pdbx_audit_revision_category.ordinal 
_pdbx_audit_revision_category.revision_ordinal 
_pdbx_audit_revision_category.data_content_type 
_pdbx_audit_revision_category.category 
1 4 'Structure model' chem_comp_atom                
2 4 'Structure model' chem_comp_bond                
3 4 'Structure model' database_2                    
4 4 'Structure model' struct_site                   
5 5 'Structure model' pdbx_initial_refinement_model 
# 
loop_
_pdbx_audit_revision_item.ordinal 
_pdbx_audit_revision_item.revision_ordinal 
_pdbx_audit_revision_item.data_content_type 
_pdbx_audit_revision_item.item 
1 4 'Structure model' '_database_2.pdbx_DOI'                
2 4 'Structure model' '_database_2.pdbx_database_accession' 
3 4 'Structure model' '_struct_site.pdbx_auth_asym_id'      
4 4 'Structure model' '_struct_site.pdbx_auth_comp_id'      
5 4 'Structure model' '_struct_site.pdbx_auth_seq_id'       
# 
_pdbx_database_status.status_code                     REL 
_pdbx_database_status.entry_id                        304D 
_pdbx_database_status.recvd_initial_deposition_date   1997-01-03 
_pdbx_database_status.deposit_site                    NDB 
_pdbx_database_status.process_site                    NDB 
_pdbx_database_status.SG_entry                        . 
_pdbx_database_status.pdb_format_compatible           Y 
_pdbx_database_status.status_code_mr                  ? 
_pdbx_database_status.status_code_sf                  ? 
_pdbx_database_status.status_code_cs                  ? 
_pdbx_database_status.status_code_nmr_data            ? 
_pdbx_database_status.methods_development_category    ? 
# 
loop_
_audit_author.name 
_audit_author.pdbx_ordinal 
'Chen, X.'          1 
'Ramakrishnan, B.'  2 
'Sundaralingam, M.' 3 
# 
loop_
_citation.id 
_citation.title 
_citation.journal_abbrev 
_citation.journal_volume 
_citation.page_first 
_citation.page_last 
_citation.year 
_citation.journal_id_ASTM 
_citation.country 
_citation.journal_id_ISSN 
_citation.journal_id_CSD 
_citation.book_publisher 
_citation.pdbx_database_id_PubMed 
_citation.pdbx_database_id_DOI 
primary 'Crystal structures of the side-by-side binding of distamycin to AT-containing DNA octamers d(ICITACIC) and d(ICATATIC).' 
J.Mol.Biol.      267 1157 1170 1997 JMOBAK UK 0022-2836 0070 ? 9150404 10.1006/jmbi.1997.0941 
1       'Binding of two Distamycin A Molecules in the Minor Groove of an Alternating B-DNA'                                       
Nat.Struct.Biol. 1   169  175  1994 NSBIEW US 1072-8368 2024 ? ?       ?                      
2       'Crystal Structures of B-Form DNA-RNA Chimers Complexed with Distamycin'                                                  
Nat.Struct.Biol. 2   733  735  1995 NSBIEW US 1072-8368 2024 ? ?       ?                      
# 
loop_
_citation_author.citation_id 
_citation_author.name 
_citation_author.ordinal 
_citation_author.identifier_ORCID 
primary 'Chen, X.'          1  ? 
primary 'Ramakrishnan, B.'  2  ? 
primary 'Sundaralingam, M.' 3  ? 
1       'Chen, X.'          4  ? 
1       'Ramakrishnan, B.'  5  ? 
1       'Rao, S.T.'         6  ? 
1       'Sundaralingam, M.' 7  ? 
2       'Chen, X.'          8  ? 
2       'Ramakrishnan, B.'  9  ? 
2       'Sundaralingam, M.' 10 ? 
# 
loop_
_entity.id 
_entity.type 
_entity.src_method 
_entity.pdbx_description 
_entity.formula_weight 
_entity.pdbx_number_of_molecules 
_entity.pdbx_ec 
_entity.pdbx_mutation 
_entity.pdbx_fragment 
_entity.details 
1 polymer     syn 
;DNA (5'-D(*IP*CP*AP*TP*AP*TP*IP*C)-3')
;
2396.589 1  ? ? ? ? 
2 non-polymer syn 'DISTAMYCIN A'                           481.508  1  ? ? ? ? 
3 water       nat water                                    18.015   43 ? ? ? ? 
# 
_entity_poly.entity_id                      1 
_entity_poly.type                           polydeoxyribonucleotide 
_entity_poly.nstd_linkage                   no 
_entity_poly.nstd_monomer                   no 
_entity_poly.pdbx_seq_one_letter_code       '(DI)(DC)(DA)(DT)(DA)(DT)(DI)(DC)' 
_entity_poly.pdbx_seq_one_letter_code_can   ICATATIC 
_entity_poly.pdbx_strand_id                 A 
_entity_poly.pdbx_target_identifier         ? 
# 
loop_
_pdbx_entity_nonpoly.entity_id 
_pdbx_entity_nonpoly.name 
_pdbx_entity_nonpoly.comp_id 
2 'DISTAMYCIN A' DMY 
3 water          HOH 
# 
loop_
_entity_poly_seq.entity_id 
_entity_poly_seq.num 
_entity_poly_seq.mon_id 
_entity_poly_seq.hetero 
1 1 DI n 
1 2 DC n 
1 3 DA n 
1 4 DT n 
1 5 DA n 
1 6 DT n 
1 7 DI n 
1 8 DC n 
# 
loop_
_chem_comp.id 
_chem_comp.type 
_chem_comp.mon_nstd_flag 
_chem_comp.name 
_chem_comp.pdbx_synonyms 
_chem_comp.formula 
_chem_comp.formula_weight 
DA  'DNA linking' y "2'-DEOXYADENOSINE-5'-MONOPHOSPHATE" ?                         'C10 H14 N5 O6 P' 331.222 
DC  'DNA linking' y "2'-DEOXYCYTIDINE-5'-MONOPHOSPHATE"  ?                         'C9 H14 N3 O7 P'  307.197 
DI  'DNA linking' y "2'-DEOXYINOSINE-5'-MONOPHOSPHATE"   ?                         'C10 H13 N4 O7 P' 332.207 
DMY non-polymer   . 'DISTAMYCIN A'                       'DISTAMYCIN; STALLIMYCIN' 'C22 H27 N9 O4'   481.508 
DT  'DNA linking' y "THYMIDINE-5'-MONOPHOSPHATE"         ?                         'C10 H15 N2 O8 P' 322.208 
HOH non-polymer   . WATER                                ?                         'H2 O'            18.015  
# 
loop_
_pdbx_poly_seq_scheme.asym_id 
_pdbx_poly_seq_scheme.entity_id 
_pdbx_poly_seq_scheme.seq_id 
_pdbx_poly_seq_scheme.mon_id 
_pdbx_poly_seq_scheme.ndb_seq_num 
_pdbx_poly_seq_scheme.pdb_seq_num 
_pdbx_poly_seq_scheme.auth_seq_num 
_pdbx_poly_seq_scheme.pdb_mon_id 
_pdbx_poly_seq_scheme.auth_mon_id 
_pdbx_poly_seq_scheme.pdb_strand_id 
_pdbx_poly_seq_scheme.pdb_ins_code 
_pdbx_poly_seq_scheme.hetero 
A 1 1 DI 1 1 1 DI I A . n 
A 1 2 DC 2 2 2 DC C A . n 
A 1 3 DA 3 3 3 DA A A . n 
A 1 4 DT 4 4 4 DT T A . n 
A 1 5 DA 5 5 5 DA A A . n 
A 1 6 DT 6 6 6 DT T A . n 
A 1 7 DI 7 7 7 DI I A . n 
A 1 8 DC 8 8 8 DC C A . n 
# 
loop_
_pdbx_nonpoly_scheme.asym_id 
_pdbx_nonpoly_scheme.entity_id 
_pdbx_nonpoly_scheme.mon_id 
_pdbx_nonpoly_scheme.ndb_seq_num 
_pdbx_nonpoly_scheme.pdb_seq_num 
_pdbx_nonpoly_scheme.auth_seq_num 
_pdbx_nonpoly_scheme.pdb_mon_id 
_pdbx_nonpoly_scheme.auth_mon_id 
_pdbx_nonpoly_scheme.pdb_strand_id 
_pdbx_nonpoly_scheme.pdb_ins_code 
B 2 DMY 1  9  9  DMY DMY A . 
C 3 HOH 1  10 10 HOH HOH A . 
C 3 HOH 2  11 11 HOH HOH A . 
C 3 HOH 3  12 12 HOH HOH A . 
C 3 HOH 4  13 13 HOH HOH A . 
C 3 HOH 5  14 14 HOH HOH A . 
C 3 HOH 6  15 15 HOH HOH A . 
C 3 HOH 7  16 16 HOH HOH A . 
C 3 HOH 8  17 17 HOH HOH A . 
C 3 HOH 9  18 18 HOH HOH A . 
C 3 HOH 10 19 19 HOH HOH A . 
C 3 HOH 11 20 20 HOH HOH A . 
C 3 HOH 12 21 21 HOH HOH A . 
C 3 HOH 13 22 22 HOH HOH A . 
C 3 HOH 14 23 23 HOH HOH A . 
C 3 HOH 15 24 24 HOH HOH A . 
C 3 HOH 16 25 25 HOH HOH A . 
C 3 HOH 17 26 26 HOH HOH A . 
C 3 HOH 18 27 27 HOH HOH A . 
C 3 HOH 19 28 28 HOH HOH A . 
C 3 HOH 20 29 29 HOH HOH A . 
C 3 HOH 21 30 30 HOH HOH A . 
C 3 HOH 22 31 31 HOH HOH A . 
C 3 HOH 23 32 32 HOH HOH A . 
C 3 HOH 24 33 33 HOH HOH A . 
C 3 HOH 25 34 34 HOH HOH A . 
C 3 HOH 26 35 35 HOH HOH A . 
C 3 HOH 27 36 36 HOH HOH A . 
C 3 HOH 28 37 37 HOH HOH A . 
C 3 HOH 29 38 38 HOH HOH A . 
C 3 HOH 30 39 39 HOH HOH A . 
C 3 HOH 31 40 40 HOH HOH A . 
C 3 HOH 32 41 41 HOH HOH A . 
C 3 HOH 33 42 42 HOH HOH A . 
C 3 HOH 34 43 43 HOH HOH A . 
C 3 HOH 35 44 44 HOH HOH A . 
C 3 HOH 36 45 45 HOH HOH A . 
C 3 HOH 37 46 46 HOH HOH A . 
C 3 HOH 38 47 47 HOH HOH A . 
C 3 HOH 39 48 48 HOH HOH A . 
C 3 HOH 40 49 49 HOH HOH A . 
C 3 HOH 41 50 50 HOH HOH A . 
C 3 HOH 42 51 51 HOH HOH A . 
C 3 HOH 43 52 52 HOH HOH A . 
# 
loop_
_software.name 
_software.classification 
_software.version 
_software.citation_id 
_software.pdbx_ordinal 
XENGEN 'data collection' 2.0      ? 1 
XENGEN 'data reduction'  2.0      ? 2 
X-PLOR refinement        .        ? 3 
XENGEN 'data scaling'    'V. 2.0' ? 4 
# 
_cell.entry_id           304D 
_cell.length_a           33.380 
_cell.length_b           25.330 
_cell.length_c           28.110 
_cell.angle_alpha        90.00 
_cell.angle_beta         120.45 
_cell.angle_gamma        90.00 
_cell.Z_PDB              4 
_cell.pdbx_unique_axis   ? 
# 
_symmetry.entry_id                         304D 
_symmetry.space_group_name_H-M             'C 1 2 1' 
_symmetry.pdbx_full_space_group_name_H-M   ? 
_symmetry.cell_setting                     ? 
_symmetry.Int_Tables_number                5 
# 
_exptl.entry_id          304D 
_exptl.method            'X-RAY DIFFRACTION' 
_exptl.crystals_number   ? 
# 
_exptl_crystal.id                    1 
_exptl_crystal.density_meas          ? 
_exptl_crystal.density_percent_sol   40.15 
_exptl_crystal.density_Matthews      2.06 
_exptl_crystal.description           ? 
# 
_exptl_crystal_grow.crystal_id      1 
_exptl_crystal_grow.method          'VAPOR DIFFUSION, HANGING DROP' 
_exptl_crystal_grow.temp            ? 
_exptl_crystal_grow.temp_details    'ROOM TEMPERATURE' 
_exptl_crystal_grow.pH              7.00 
_exptl_crystal_grow.pdbx_details    'pH 7.00, VAPOR DIFFUSION, HANGING DROP' 
_exptl_crystal_grow.pdbx_pH_range   . 
# 
loop_
_exptl_crystal_grow_comp.crystal_id 
_exptl_crystal_grow_comp.id 
_exptl_crystal_grow_comp.sol_id 
_exptl_crystal_grow_comp.name 
_exptl_crystal_grow_comp.volume 
_exptl_crystal_grow_comp.conc 
_exptl_crystal_grow_comp.details 
1 1 1 WATER           ? ? ? 
1 2 1 MPD             ? ? ? 
1 3 1 'NA CACODYLATE' ? ? ? 
1 4 1 MGCL2           ? ? ? 
1 5 1 SPERMINE_HCL    ? ? ? 
1 6 2 WATER           ? ? ? 
1 7 2 MPD             ? ? ? 
# 
_diffrn.id                     1 
_diffrn.ambient_temp           298.00 
_diffrn.ambient_temp_details   ? 
_diffrn.crystal_id             1 
# 
_diffrn_detector.diffrn_id              1 
_diffrn_detector.detector               'AREA DETECTOR' 
_diffrn_detector.type                   SIEMENS-NICOLET 
_diffrn_detector.pdbx_collection_date   1994-11-03 
_diffrn_detector.details                ? 
# 
_diffrn_radiation.diffrn_id                        1 
_diffrn_radiation.wavelength_id                    1 
_diffrn_radiation.pdbx_monochromatic_or_laue_m_l   M 
_diffrn_radiation.monochromator                    GRAPHITE 
_diffrn_radiation.pdbx_diffrn_protocol             'SINGLE WAVELENGTH' 
_diffrn_radiation.pdbx_scattering_type             x-ray 
# 
_diffrn_radiation_wavelength.id           1 
_diffrn_radiation_wavelength.wavelength   . 
_diffrn_radiation_wavelength.wt           1.0 
# 
_diffrn_source.diffrn_id                   1 
_diffrn_source.source                      'ROTATING ANODE' 
_diffrn_source.type                        ? 
_diffrn_source.pdbx_synchrotron_site       ? 
_diffrn_source.pdbx_synchrotron_beamline   ? 
_diffrn_source.pdbx_wavelength             ? 
_diffrn_source.pdbx_wavelength_list        ? 
# 
_reflns.entry_id                     304D 
_reflns.observed_criterion_sigma_I   0.000 
_reflns.observed_criterion_sigma_F   ? 
_reflns.d_resolution_low             ? 
_reflns.d_resolution_high            1.600 
_reflns.number_obs                   1291 
_reflns.number_all                   1770 
_reflns.percent_possible_obs         73.000 
_reflns.pdbx_Rmerge_I_obs            ? 
_reflns.pdbx_Rsym_value              0.014 
_reflns.pdbx_netI_over_sigmaI        ? 
_reflns.B_iso_Wilson_estimate        ? 
_reflns.pdbx_redundancy              1.400 
_reflns.R_free_details               ? 
_reflns.pdbx_diffrn_id               1 
_reflns.pdbx_ordinal                 1 
# 
_refine.entry_id                                 304D 
_refine.ls_number_reflns_obs                     1108 
_refine.ls_number_reflns_all                     ? 
_refine.pdbx_ls_sigma_I                          ? 
_refine.pdbx_ls_sigma_F                          1.000 
_refine.pdbx_data_cutoff_high_absF               ? 
_refine.pdbx_data_cutoff_low_absF                ? 
_refine.pdbx_data_cutoff_high_rms_absF           ? 
_refine.ls_d_res_low                             ? 
_refine.ls_d_res_high                            1.900 
_refine.ls_percent_reflns_obs                    73.000 
_refine.ls_R_factor_obs                          0.184 
_refine.ls_R_factor_all                          ? 
_refine.ls_R_factor_R_work                       0.184 
_refine.ls_R_factor_R_free                       ? 
_refine.ls_R_factor_R_free_error                 ? 
_refine.ls_R_factor_R_free_error_details         ? 
_refine.ls_percent_reflns_R_free                 ? 
_refine.ls_number_reflns_R_free                  ? 
_refine.ls_number_parameters                     ? 
_refine.ls_number_restraints                     ? 
_refine.occupancy_min                            ? 
_refine.occupancy_max                            ? 
_refine.B_iso_mean                               10.70 
_refine.aniso_B[1][1]                            ? 
_refine.aniso_B[2][2]                            ? 
_refine.aniso_B[3][3]                            ? 
_refine.aniso_B[1][2]                            ? 
_refine.aniso_B[1][3]                            ? 
_refine.aniso_B[2][3]                            ? 
_refine.solvent_model_details                    ? 
_refine.solvent_model_param_ksol                 ? 
_refine.solvent_model_param_bsol                 ? 
_refine.pdbx_ls_cross_valid_method               ? 
_refine.details                                  ? 
_refine.pdbx_starting_model                      GDHB25 
_refine.pdbx_method_to_determine_struct          'MOLECULAR REPLACEMENT' 
_refine.pdbx_isotropic_thermal_model             ? 
_refine.pdbx_stereochemistry_target_values       ? 
_refine.pdbx_stereochem_target_val_spec_case     ? 
_refine.pdbx_R_Free_selection_details            ? 
_refine.pdbx_overall_ESU_R                       ? 
_refine.pdbx_overall_ESU_R_Free                  ? 
_refine.overall_SU_ML                            ? 
_refine.overall_SU_B                             ? 
_refine.ls_redundancy_reflns_obs                 ? 
_refine.correlation_coeff_Fo_to_Fc               ? 
_refine.correlation_coeff_Fo_to_Fc_free          ? 
_refine.pdbx_solvent_vdw_probe_radii             ? 
_refine.pdbx_solvent_ion_probe_radii             ? 
_refine.pdbx_solvent_shrinkage_radii             ? 
_refine.overall_SU_R_Cruickshank_DPI             ? 
_refine.overall_SU_R_free                        ? 
_refine.pdbx_refine_id                           'X-RAY DIFFRACTION' 
_refine.pdbx_diffrn_id                           1 
_refine.pdbx_TLS_residual_ADP_flag               ? 
_refine.pdbx_overall_phase_error                 ? 
_refine.pdbx_overall_SU_R_free_Cruickshank_DPI   ? 
_refine.pdbx_overall_SU_R_Blow_DPI               ? 
_refine.pdbx_overall_SU_R_free_Blow_DPI          ? 
# 
_refine_hist.pdbx_refine_id                   'X-RAY DIFFRACTION' 
_refine_hist.cycle_id                         LAST 
_refine_hist.pdbx_number_atoms_protein        0 
_refine_hist.pdbx_number_atoms_nucleic_acid   159 
_refine_hist.pdbx_number_atoms_ligand         35 
_refine_hist.number_atoms_solvent             43 
_refine_hist.number_atoms_total               237 
_refine_hist.d_res_high                       1.900 
_refine_hist.d_res_low                        . 
# 
loop_
_refine_ls_restr.type 
_refine_ls_restr.dev_ideal 
_refine_ls_restr.dev_ideal_target 
_refine_ls_restr.weight 
_refine_ls_restr.number 
_refine_ls_restr.pdbx_refine_id 
_refine_ls_restr.pdbx_restraint_function 
x_bond_d                0.018 ? ? ? 'X-RAY DIFFRACTION' ? 
x_bond_d_na             ?     ? ? ? 'X-RAY DIFFRACTION' ? 
x_bond_d_prot           ?     ? ? ? 'X-RAY DIFFRACTION' ? 
x_angle_d               ?     ? ? ? 'X-RAY DIFFRACTION' ? 
x_angle_d_na            ?     ? ? ? 'X-RAY DIFFRACTION' ? 
x_angle_d_prot          ?     ? ? ? 'X-RAY DIFFRACTION' ? 
x_angle_deg             3.80  ? ? ? 'X-RAY DIFFRACTION' ? 
x_angle_deg_na          ?     ? ? ? 'X-RAY DIFFRACTION' ? 
x_angle_deg_prot        ?     ? ? ? 'X-RAY DIFFRACTION' ? 
x_dihedral_angle_d      37.2  ? ? ? 'X-RAY DIFFRACTION' ? 
x_dihedral_angle_d_na   ?     ? ? ? 'X-RAY DIFFRACTION' ? 
x_dihedral_angle_d_prot ?     ? ? ? 'X-RAY DIFFRACTION' ? 
x_improper_angle_d      5.00  ? ? ? 'X-RAY DIFFRACTION' ? 
x_improper_angle_d_na   ?     ? ? ? 'X-RAY DIFFRACTION' ? 
x_improper_angle_d_prot ?     ? ? ? 'X-RAY DIFFRACTION' ? 
x_mcbond_it             ?     ? ? ? 'X-RAY DIFFRACTION' ? 
x_mcangle_it            ?     ? ? ? 'X-RAY DIFFRACTION' ? 
x_scbond_it             ?     ? ? ? 'X-RAY DIFFRACTION' ? 
x_scangle_it            ?     ? ? ? 'X-RAY DIFFRACTION' ? 
# 
_struct.entry_id                  304D 
_struct.title                     'SIDE-BY-SIDE BINDING OF DISTAMYCIN MOLECULES TO D(ICATATIC) IN THE MONOCLINIC FORM' 
_struct.pdbx_model_details        ? 
_struct.pdbx_CASP_flag            ? 
_struct.pdbx_model_type_details   ? 
# 
_struct_keywords.entry_id        304D 
_struct_keywords.pdbx_keywords   DNA 
_struct_keywords.text            'B-DNA, DOUBLE HELIX, COMPLEXED WITH DRUG, DOUBLE DRUG IN THE MINOR GROOVE, DNA' 
# 
loop_
_struct_asym.id 
_struct_asym.pdbx_blank_PDB_chainid_flag 
_struct_asym.pdbx_modified 
_struct_asym.entity_id 
_struct_asym.details 
A N N 1 ? 
B N N 2 ? 
C N N 3 ? 
# 
_struct_ref.id                         1 
_struct_ref.entity_id                  1 
_struct_ref.db_name                    PDB 
_struct_ref.db_code                    304D 
_struct_ref.pdbx_db_accession          304D 
_struct_ref.pdbx_db_isoform            ? 
_struct_ref.pdbx_seq_one_letter_code   ? 
_struct_ref.pdbx_align_begin           ? 
# 
_struct_ref_seq.align_id                      1 
_struct_ref_seq.ref_id                        1 
_struct_ref_seq.pdbx_PDB_id_code              304D 
_struct_ref_seq.pdbx_strand_id                A 
_struct_ref_seq.seq_align_beg                 1 
_struct_ref_seq.pdbx_seq_align_beg_ins_code   ? 
_struct_ref_seq.seq_align_end                 8 
_struct_ref_seq.pdbx_seq_align_end_ins_code   ? 
_struct_ref_seq.pdbx_db_accession             304D 
_struct_ref_seq.db_align_beg                  1 
_struct_ref_seq.pdbx_db_align_beg_ins_code    ? 
_struct_ref_seq.db_align_end                  8 
_struct_ref_seq.pdbx_db_align_end_ins_code    ? 
_struct_ref_seq.pdbx_auth_seq_align_beg       1 
_struct_ref_seq.pdbx_auth_seq_align_end       8 
# 
_pdbx_struct_assembly.id                   1 
_pdbx_struct_assembly.details              author_defined_assembly 
_pdbx_struct_assembly.method_details       ? 
_pdbx_struct_assembly.oligomeric_details   dimeric 
_pdbx_struct_assembly.oligomeric_count     2 
# 
_pdbx_struct_assembly_gen.assembly_id       1 
_pdbx_struct_assembly_gen.oper_expression   1,2 
_pdbx_struct_assembly_gen.asym_id_list      A,B,C 
# 
loop_
_pdbx_struct_oper_list.id 
_pdbx_struct_oper_list.type 
_pdbx_struct_oper_list.name 
_pdbx_struct_oper_list.symmetry_operation 
_pdbx_struct_oper_list.matrix[1][1] 
_pdbx_struct_oper_list.matrix[1][2] 
_pdbx_struct_oper_list.matrix[1][3] 
_pdbx_struct_oper_list.vector[1] 
_pdbx_struct_oper_list.matrix[2][1] 
_pdbx_struct_oper_list.matrix[2][2] 
_pdbx_struct_oper_list.matrix[2][3] 
_pdbx_struct_oper_list.vector[2] 
_pdbx_struct_oper_list.matrix[3][1] 
_pdbx_struct_oper_list.matrix[3][2] 
_pdbx_struct_oper_list.matrix[3][3] 
_pdbx_struct_oper_list.vector[3] 
1 'identity operation'         1_555 x,y,z   1.0000000000 0.0000000000 0.0000000000  0.0000000000 0.0000000000 1.0000000000  0.0000000000  0.0000000000  0.0000000000  0.0000000000  1.0000000000  0.0000000000  
2 'crystal symmetry operation' 2_555 -x,y,-z 0.6249384861 0.4268838227 -0.6536222843 0.2304144919 0.4268838227 -0.8878543406 -0.1717115950 -3.1053207856 -0.6536222843 -0.1717115950 -0.7370841455 -1.4552775429 
# 
_struct_biol.id                    1 
_struct_biol.pdbx_parent_biol_id   ? 
_struct_biol.details               ? 
# 
loop_
_struct_conn.id 
_struct_conn.conn_type_id 
_struct_conn.pdbx_leaving_atom_flag 
_struct_conn.pdbx_PDB_id 
_struct_conn.ptnr1_label_asym_id 
_struct_conn.ptnr1_label_comp_id 
_struct_conn.ptnr1_label_seq_id 
_struct_conn.ptnr1_label_atom_id 
_struct_conn.pdbx_ptnr1_label_alt_id 
_struct_conn.pdbx_ptnr1_PDB_ins_code 
_struct_conn.pdbx_ptnr1_standard_comp_id 
_struct_conn.ptnr1_symmetry 
_struct_conn.ptnr2_label_asym_id 
_struct_conn.ptnr2_label_comp_id 
_struct_conn.ptnr2_label_seq_id 
_struct_conn.ptnr2_label_atom_id 
_struct_conn.pdbx_ptnr2_label_alt_id 
_struct_conn.pdbx_ptnr2_PDB_ins_code 
_struct_conn.ptnr1_auth_asym_id 
_struct_conn.ptnr1_auth_comp_id 
_struct_conn.ptnr1_auth_seq_id 
_struct_conn.ptnr2_auth_asym_id 
_struct_conn.ptnr2_auth_comp_id 
_struct_conn.ptnr2_auth_seq_id 
_struct_conn.ptnr2_symmetry 
_struct_conn.pdbx_ptnr3_label_atom_id 
_struct_conn.pdbx_ptnr3_label_seq_id 
_struct_conn.pdbx_ptnr3_label_comp_id 
_struct_conn.pdbx_ptnr3_label_asym_id 
_struct_conn.pdbx_ptnr3_label_alt_id 
_struct_conn.pdbx_ptnr3_PDB_ins_code 
_struct_conn.details 
_struct_conn.pdbx_dist_value 
_struct_conn.pdbx_value_order 
_struct_conn.pdbx_role 
hydrog1 hydrog ? ? A DA 3 N1 ? ? ? 1_555 A DT 6 N3 ? ? A DA 3 A DT 6 2_555 ? ? ? ? ? ? WATSON-CRICK ? ? ? 
hydrog2 hydrog ? ? A DA 3 N6 ? ? ? 1_555 A DT 6 O4 ? ? A DA 3 A DT 6 2_555 ? ? ? ? ? ? WATSON-CRICK ? ? ? 
hydrog3 hydrog ? ? A DT 4 N3 ? ? ? 1_555 A DA 5 N1 ? ? A DT 4 A DA 5 2_555 ? ? ? ? ? ? WATSON-CRICK ? ? ? 
hydrog4 hydrog ? ? A DT 4 O4 ? ? ? 1_555 A DA 5 N6 ? ? A DT 4 A DA 5 2_555 ? ? ? ? ? ? WATSON-CRICK ? ? ? 
hydrog5 hydrog ? ? A DA 5 N1 ? ? ? 1_555 A DT 4 N3 ? ? A DA 5 A DT 4 2_555 ? ? ? ? ? ? WATSON-CRICK ? ? ? 
hydrog6 hydrog ? ? A DA 5 N6 ? ? ? 1_555 A DT 4 O4 ? ? A DA 5 A DT 4 2_555 ? ? ? ? ? ? WATSON-CRICK ? ? ? 
hydrog7 hydrog ? ? A DT 6 N3 ? ? ? 1_555 A DA 3 N1 ? ? A DT 6 A DA 3 2_555 ? ? ? ? ? ? WATSON-CRICK ? ? ? 
hydrog8 hydrog ? ? A DT 6 O4 ? ? ? 1_555 A DA 3 N6 ? ? A DT 6 A DA 3 2_555 ? ? ? ? ? ? WATSON-CRICK ? ? ? 
# 
_struct_conn_type.id          hydrog 
_struct_conn_type.criteria    ? 
_struct_conn_type.reference   ? 
# 
loop_
_struct_site.id 
_struct_site.pdbx_evidence_code 
_struct_site.pdbx_auth_asym_id 
_struct_site.pdbx_auth_comp_id 
_struct_site.pdbx_auth_seq_id 
_struct_site.pdbx_auth_ins_code 
_struct_site.pdbx_num_residues 
_struct_site.details 
AC1 Software A DMY 9 ? 12 'BINDING SITE FOR RESIDUE DMY A 9' 
1   ?        ? ?   ? ? ?  ?                                  
# 
loop_
_struct_site_gen.id 
_struct_site_gen.site_id 
_struct_site_gen.pdbx_num_res 
_struct_site_gen.label_comp_id 
_struct_site_gen.label_asym_id 
_struct_site_gen.label_seq_id 
_struct_site_gen.pdbx_auth_ins_code 
_struct_site_gen.auth_comp_id 
_struct_site_gen.auth_asym_id 
_struct_site_gen.auth_seq_id 
_struct_site_gen.label_atom_id 
_struct_site_gen.label_alt_id 
_struct_site_gen.symmetry 
_struct_site_gen.details 
1  AC1 12 DC  A 2 ? DC  A 2  . ? 1_555 ? 
2  AC1 12 DA  A 3 ? DA  A 3  . ? 1_555 ? 
3  AC1 12 DT  A 4 ? DT  A 4  . ? 2_555 ? 
4  AC1 12 DA  A 5 ? DA  A 5  . ? 2_555 ? 
5  AC1 12 DT  A 6 ? DT  A 6  . ? 2_555 ? 
6  AC1 12 DI  A 7 ? DI  A 7  . ? 2_555 ? 
7  AC1 12 DC  A 8 ? DC  A 8  . ? 3_556 ? 
8  AC1 12 DC  A 8 ? DC  A 8  . ? 2_555 ? 
9  AC1 12 HOH C . ? HOH A 11 . ? 1_555 ? 
10 AC1 12 HOH C . ? HOH A 13 . ? 4_445 ? 
11 AC1 12 HOH C . ? HOH A 15 . ? 1_555 ? 
12 AC1 12 HOH C . ? HOH A 44 . ? 3_556 ? 
# 
_pdbx_validate_rmsd_bond.id                        1 
_pdbx_validate_rmsd_bond.PDB_model_num             1 
_pdbx_validate_rmsd_bond.auth_atom_id_1            "O3'" 
_pdbx_validate_rmsd_bond.auth_asym_id_1            A 
_pdbx_validate_rmsd_bond.auth_comp_id_1            DI 
_pdbx_validate_rmsd_bond.auth_seq_id_1             7 
_pdbx_validate_rmsd_bond.PDB_ins_code_1            ? 
_pdbx_validate_rmsd_bond.label_alt_id_1            ? 
_pdbx_validate_rmsd_bond.auth_atom_id_2            P 
_pdbx_validate_rmsd_bond.auth_asym_id_2            A 
_pdbx_validate_rmsd_bond.auth_comp_id_2            DC 
_pdbx_validate_rmsd_bond.auth_seq_id_2             8 
_pdbx_validate_rmsd_bond.PDB_ins_code_2            ? 
_pdbx_validate_rmsd_bond.label_alt_id_2            ? 
_pdbx_validate_rmsd_bond.bond_value                1.695 
_pdbx_validate_rmsd_bond.bond_target_value         1.607 
_pdbx_validate_rmsd_bond.bond_deviation            0.088 
_pdbx_validate_rmsd_bond.bond_standard_deviation   0.012 
_pdbx_validate_rmsd_bond.linker_flag               Y 
# 
loop_
_pdbx_validate_rmsd_angle.id 
_pdbx_validate_rmsd_angle.PDB_model_num 
_pdbx_validate_rmsd_angle.auth_atom_id_1 
_pdbx_validate_rmsd_angle.auth_asym_id_1 
_pdbx_validate_rmsd_angle.auth_comp_id_1 
_pdbx_validate_rmsd_angle.auth_seq_id_1 
_pdbx_validate_rmsd_angle.PDB_ins_code_1 
_pdbx_validate_rmsd_angle.label_alt_id_1 
_pdbx_validate_rmsd_angle.auth_atom_id_2 
_pdbx_validate_rmsd_angle.auth_asym_id_2 
_pdbx_validate_rmsd_angle.auth_comp_id_2 
_pdbx_validate_rmsd_angle.auth_seq_id_2 
_pdbx_validate_rmsd_angle.PDB_ins_code_2 
_pdbx_validate_rmsd_angle.label_alt_id_2 
_pdbx_validate_rmsd_angle.auth_atom_id_3 
_pdbx_validate_rmsd_angle.auth_asym_id_3 
_pdbx_validate_rmsd_angle.auth_comp_id_3 
_pdbx_validate_rmsd_angle.auth_seq_id_3 
_pdbx_validate_rmsd_angle.PDB_ins_code_3 
_pdbx_validate_rmsd_angle.label_alt_id_3 
_pdbx_validate_rmsd_angle.angle_value 
_pdbx_validate_rmsd_angle.angle_target_value 
_pdbx_validate_rmsd_angle.angle_deviation 
_pdbx_validate_rmsd_angle.angle_standard_deviation 
_pdbx_validate_rmsd_angle.linker_flag 
1  1 "C3'" A DI 1 ? ? "O3'" A DI 1 ? ? P     A DC 2 ? ? 127.91 119.70 8.21   1.20 Y 
2  1 "O3'" A DI 1 ? ? P     A DC 2 ? ? "O5'" A DC 2 ? ? 82.08  104.00 -21.92 1.90 Y 
3  1 "O3'" A DI 1 ? ? P     A DC 2 ? ? OP1   A DC 2 ? ? 121.01 110.50 10.51  1.10 Y 
4  1 "O4'" A DC 2 ? ? "C4'" A DC 2 ? ? "C3'" A DC 2 ? ? 109.90 106.00 3.90   0.60 N 
5  1 "C5'" A DC 2 ? ? "C4'" A DC 2 ? ? "C3'" A DC 2 ? ? 100.36 114.10 -13.74 1.80 N 
6  1 "O4'" A DC 2 ? ? "C1'" A DC 2 ? ? N1    A DC 2 ? ? 114.00 108.30 5.70   0.30 N 
7  1 "O3'" A DC 2 ? ? P     A DA 3 ? ? "O5'" A DA 3 ? ? 88.62  104.00 -15.38 1.90 Y 
8  1 "O3'" A DC 2 ? ? P     A DA 3 ? ? OP2   A DA 3 ? ? 129.77 110.50 19.27  1.10 Y 
9  1 "O4'" A DT 4 ? ? "C1'" A DT 4 ? ? "C2'" A DT 4 ? ? 100.93 105.90 -4.97  0.80 N 
10 1 N3    A DT 4 ? ? C2    A DT 4 ? ? O2    A DT 4 ? ? 117.94 122.30 -4.36  0.60 N 
11 1 C6    A DT 4 ? ? C5    A DT 4 ? ? C7    A DT 4 ? ? 118.71 122.90 -4.19  0.60 N 
12 1 "C1'" A DT 6 ? ? "O4'" A DT 6 ? ? "C4'" A DT 6 ? ? 103.72 110.10 -6.38  1.00 N 
13 1 "O4'" A DT 6 ? ? "C1'" A DT 6 ? ? N1    A DT 6 ? ? 110.13 108.30 1.83   0.30 N 
14 1 C6    A DT 6 ? ? C5    A DT 6 ? ? C7    A DT 6 ? ? 117.84 122.90 -5.06  0.60 N 
15 1 "O3'" A DI 7 ? ? P     A DC 8 ? ? "O5'" A DC 8 ? ? 73.25  104.00 -30.75 1.90 Y 
16 1 "O3'" A DI 7 ? ? P     A DC 8 ? ? OP1   A DC 8 ? ? 69.98  105.20 -35.22 2.20 Y 
# 
loop_
_pdbx_validate_planes.id 
_pdbx_validate_planes.PDB_model_num 
_pdbx_validate_planes.auth_comp_id 
_pdbx_validate_planes.auth_asym_id 
_pdbx_validate_planes.auth_seq_id 
_pdbx_validate_planes.PDB_ins_code 
_pdbx_validate_planes.label_alt_id 
_pdbx_validate_planes.rmsd 
_pdbx_validate_planes.type 
1 1 DI A 1 ? ? 0.064 'SIDE CHAIN' 
2 1 DC A 2 ? ? 0.093 'SIDE CHAIN' 
3 1 DA A 3 ? ? 0.085 'SIDE CHAIN' 
4 1 DT A 4 ? ? 0.107 'SIDE CHAIN' 
5 1 DA A 5 ? ? 0.061 'SIDE CHAIN' 
# 
_struct_site_keywords.site_id   1 
_struct_site_keywords.text      'MINOR GROOVE BINDER' 
# 
loop_
_refine_B_iso.class 
_refine_B_iso.details 
_refine_B_iso.treatment 
_refine_B_iso.pdbx_refine_id 
'ALL ATOMS'  TR isotropic 'X-RAY DIFFRACTION' 
'ALL WATERS' TR isotropic 'X-RAY DIFFRACTION' 
# 
loop_
_refine_occupancy.class 
_refine_occupancy.treatment 
_refine_occupancy.pdbx_refine_id 
'ALL ATOMS'  fix 'X-RAY DIFFRACTION' 
'ALL WATERS' fix 'X-RAY DIFFRACTION' 
# 
loop_
_chem_comp_atom.comp_id 
_chem_comp_atom.atom_id 
_chem_comp_atom.type_symbol 
_chem_comp_atom.pdbx_aromatic_flag 
_chem_comp_atom.pdbx_stereo_config 
_chem_comp_atom.pdbx_ordinal 
DA  OP3    O N N 1   
DA  P      P N N 2   
DA  OP1    O N N 3   
DA  OP2    O N N 4   
DA  "O5'"  O N N 5   
DA  "C5'"  C N N 6   
DA  "C4'"  C N R 7   
DA  "O4'"  O N N 8   
DA  "C3'"  C N S 9   
DA  "O3'"  O N N 10  
DA  "C2'"  C N N 11  
DA  "C1'"  C N R 12  
DA  N9     N Y N 13  
DA  C8     C Y N 14  
DA  N7     N Y N 15  
DA  C5     C Y N 16  
DA  C6     C Y N 17  
DA  N6     N N N 18  
DA  N1     N Y N 19  
DA  C2     C Y N 20  
DA  N3     N Y N 21  
DA  C4     C Y N 22  
DA  HOP3   H N N 23  
DA  HOP2   H N N 24  
DA  "H5'"  H N N 25  
DA  "H5''" H N N 26  
DA  "H4'"  H N N 27  
DA  "H3'"  H N N 28  
DA  "HO3'" H N N 29  
DA  "H2'"  H N N 30  
DA  "H2''" H N N 31  
DA  "H1'"  H N N 32  
DA  H8     H N N 33  
DA  H61    H N N 34  
DA  H62    H N N 35  
DA  H2     H N N 36  
DC  OP3    O N N 37  
DC  P      P N N 38  
DC  OP1    O N N 39  
DC  OP2    O N N 40  
DC  "O5'"  O N N 41  
DC  "C5'"  C N N 42  
DC  "C4'"  C N R 43  
DC  "O4'"  O N N 44  
DC  "C3'"  C N S 45  
DC  "O3'"  O N N 46  
DC  "C2'"  C N N 47  
DC  "C1'"  C N R 48  
DC  N1     N N N 49  
DC  C2     C N N 50  
DC  O2     O N N 51  
DC  N3     N N N 52  
DC  C4     C N N 53  
DC  N4     N N N 54  
DC  C5     C N N 55  
DC  C6     C N N 56  
DC  HOP3   H N N 57  
DC  HOP2   H N N 58  
DC  "H5'"  H N N 59  
DC  "H5''" H N N 60  
DC  "H4'"  H N N 61  
DC  "H3'"  H N N 62  
DC  "HO3'" H N N 63  
DC  "H2'"  H N N 64  
DC  "H2''" H N N 65  
DC  "H1'"  H N N 66  
DC  H41    H N N 67  
DC  H42    H N N 68  
DC  H5     H N N 69  
DC  H6     H N N 70  
DI  OP3    O N N 71  
DI  P      P N N 72  
DI  OP1    O N N 73  
DI  OP2    O N N 74  
DI  "O5'"  O N N 75  
DI  "C5'"  C N N 76  
DI  "C4'"  C N R 77  
DI  "O4'"  O N N 78  
DI  "C3'"  C N S 79  
DI  "O3'"  O N N 80  
DI  "C2'"  C N N 81  
DI  "C1'"  C N R 82  
DI  N9     N Y N 83  
DI  C8     C Y N 84  
DI  N7     N Y N 85  
DI  C5     C Y N 86  
DI  C6     C N N 87  
DI  O6     O N N 88  
DI  N1     N N N 89  
DI  C2     C N N 90  
DI  N3     N N N 91  
DI  C4     C Y N 92  
DI  HOP3   H N N 93  
DI  HOP2   H N N 94  
DI  "H5'"  H N N 95  
DI  "H5''" H N N 96  
DI  "H4'"  H N N 97  
DI  "H3'"  H N N 98  
DI  "HO3'" H N N 99  
DI  "H2'"  H N N 100 
DI  "H2''" H N N 101 
DI  "H1'"  H N N 102 
DI  H8     H N N 103 
DI  H1     H N N 104 
DI  H2     H N N 105 
DMY C1     C N N 106 
DMY O1     O N N 107 
DMY N1     N N N 108 
DMY C2     C Y N 109 
DMY C3     C Y N 110 
DMY C4     C Y N 111 
DMY N2     N Y N 112 
DMY C5     C Y N 113 
DMY C6     C N N 114 
DMY C7     C N N 115 
DMY O2     O N N 116 
DMY N3     N N N 117 
DMY C8     C Y N 118 
DMY C9     C Y N 119 
DMY C10    C Y N 120 
DMY N4     N Y N 121 
DMY C11    C Y N 122 
DMY C12    C N N 123 
DMY C13    C N N 124 
DMY O3     O N N 125 
DMY N5     N N N 126 
DMY C14    C Y N 127 
DMY C15    C Y N 128 
DMY C16    C Y N 129 
DMY N6     N Y N 130 
DMY C17    C Y N 131 
DMY C18    C N N 132 
DMY C19    C N N 133 
DMY O4     O N N 134 
DMY N7     N N N 135 
DMY C20    C N N 136 
DMY C21    C N N 137 
DMY C22    C N N 138 
DMY N8     N N N 139 
DMY N9     N N N 140 
DMY H1     H N N 141 
DMY HN1    H N N 142 
DMY H3     H N N 143 
DMY H5     H N N 144 
DMY H61    H N N 145 
DMY H62    H N N 146 
DMY H63    H N N 147 
DMY HN3    H N N 148 
DMY H9     H N N 149 
DMY H11    H N N 150 
DMY H121   H N N 151 
DMY H122   H N N 152 
DMY H123   H N N 153 
DMY HN5    H N N 154 
DMY H15    H N N 155 
DMY H17    H N N 156 
DMY H181   H N N 157 
DMY H182   H N N 158 
DMY H183   H N N 159 
DMY HN7    H N N 160 
DMY H201   H N N 161 
DMY H202   H N N 162 
DMY H211   H N N 163 
DMY H212   H N N 164 
DMY HN8    H N N 165 
DMY HN91   H N N 166 
DMY HN92   H N N 167 
DT  OP3    O N N 168 
DT  P      P N N 169 
DT  OP1    O N N 170 
DT  OP2    O N N 171 
DT  "O5'"  O N N 172 
DT  "C5'"  C N N 173 
DT  "C4'"  C N R 174 
DT  "O4'"  O N N 175 
DT  "C3'"  C N S 176 
DT  "O3'"  O N N 177 
DT  "C2'"  C N N 178 
DT  "C1'"  C N R 179 
DT  N1     N N N 180 
DT  C2     C N N 181 
DT  O2     O N N 182 
DT  N3     N N N 183 
DT  C4     C N N 184 
DT  O4     O N N 185 
DT  C5     C N N 186 
DT  C7     C N N 187 
DT  C6     C N N 188 
DT  HOP3   H N N 189 
DT  HOP2   H N N 190 
DT  "H5'"  H N N 191 
DT  "H5''" H N N 192 
DT  "H4'"  H N N 193 
DT  "H3'"  H N N 194 
DT  "HO3'" H N N 195 
DT  "H2'"  H N N 196 
DT  "H2''" H N N 197 
DT  "H1'"  H N N 198 
DT  H3     H N N 199 
DT  H71    H N N 200 
DT  H72    H N N 201 
DT  H73    H N N 202 
DT  H6     H N N 203 
HOH O      O N N 204 
HOH H1     H N N 205 
HOH H2     H N N 206 
# 
loop_
_chem_comp_bond.comp_id 
_chem_comp_bond.atom_id_1 
_chem_comp_bond.atom_id_2 
_chem_comp_bond.value_order 
_chem_comp_bond.pdbx_aromatic_flag 
_chem_comp_bond.pdbx_stereo_config 
_chem_comp_bond.pdbx_ordinal 
DA  OP3   P      sing N N 1   
DA  OP3   HOP3   sing N N 2   
DA  P     OP1    doub N N 3   
DA  P     OP2    sing N N 4   
DA  P     "O5'"  sing N N 5   
DA  OP2   HOP2   sing N N 6   
DA  "O5'" "C5'"  sing N N 7   
DA  "C5'" "C4'"  sing N N 8   
DA  "C5'" "H5'"  sing N N 9   
DA  "C5'" "H5''" sing N N 10  
DA  "C4'" "O4'"  sing N N 11  
DA  "C4'" "C3'"  sing N N 12  
DA  "C4'" "H4'"  sing N N 13  
DA  "O4'" "C1'"  sing N N 14  
DA  "C3'" "O3'"  sing N N 15  
DA  "C3'" "C2'"  sing N N 16  
DA  "C3'" "H3'"  sing N N 17  
DA  "O3'" "HO3'" sing N N 18  
DA  "C2'" "C1'"  sing N N 19  
DA  "C2'" "H2'"  sing N N 20  
DA  "C2'" "H2''" sing N N 21  
DA  "C1'" N9     sing N N 22  
DA  "C1'" "H1'"  sing N N 23  
DA  N9    C8     sing Y N 24  
DA  N9    C4     sing Y N 25  
DA  C8    N7     doub Y N 26  
DA  C8    H8     sing N N 27  
DA  N7    C5     sing Y N 28  
DA  C5    C6     sing Y N 29  
DA  C5    C4     doub Y N 30  
DA  C6    N6     sing N N 31  
DA  C6    N1     doub Y N 32  
DA  N6    H61    sing N N 33  
DA  N6    H62    sing N N 34  
DA  N1    C2     sing Y N 35  
DA  C2    N3     doub Y N 36  
DA  C2    H2     sing N N 37  
DA  N3    C4     sing Y N 38  
DC  OP3   P      sing N N 39  
DC  OP3   HOP3   sing N N 40  
DC  P     OP1    doub N N 41  
DC  P     OP2    sing N N 42  
DC  P     "O5'"  sing N N 43  
DC  OP2   HOP2   sing N N 44  
DC  "O5'" "C5'"  sing N N 45  
DC  "C5'" "C4'"  sing N N 46  
DC  "C5'" "H5'"  sing N N 47  
DC  "C5'" "H5''" sing N N 48  
DC  "C4'" "O4'"  sing N N 49  
DC  "C4'" "C3'"  sing N N 50  
DC  "C4'" "H4'"  sing N N 51  
DC  "O4'" "C1'"  sing N N 52  
DC  "C3'" "O3'"  sing N N 53  
DC  "C3'" "C2'"  sing N N 54  
DC  "C3'" "H3'"  sing N N 55  
DC  "O3'" "HO3'" sing N N 56  
DC  "C2'" "C1'"  sing N N 57  
DC  "C2'" "H2'"  sing N N 58  
DC  "C2'" "H2''" sing N N 59  
DC  "C1'" N1     sing N N 60  
DC  "C1'" "H1'"  sing N N 61  
DC  N1    C2     sing N N 62  
DC  N1    C6     sing N N 63  
DC  C2    O2     doub N N 64  
DC  C2    N3     sing N N 65  
DC  N3    C4     doub N N 66  
DC  C4    N4     sing N N 67  
DC  C4    C5     sing N N 68  
DC  N4    H41    sing N N 69  
DC  N4    H42    sing N N 70  
DC  C5    C6     doub N N 71  
DC  C5    H5     sing N N 72  
DC  C6    H6     sing N N 73  
DI  OP3   P      sing N N 74  
DI  OP3   HOP3   sing N N 75  
DI  P     OP1    doub N N 76  
DI  P     OP2    sing N N 77  
DI  P     "O5'"  sing N N 78  
DI  OP2   HOP2   sing N N 79  
DI  "O5'" "C5'"  sing N N 80  
DI  "C5'" "C4'"  sing N N 81  
DI  "C5'" "H5'"  sing N N 82  
DI  "C5'" "H5''" sing N N 83  
DI  "C4'" "O4'"  sing N N 84  
DI  "C4'" "C3'"  sing N N 85  
DI  "C4'" "H4'"  sing N N 86  
DI  "O4'" "C1'"  sing N N 87  
DI  "C3'" "O3'"  sing N N 88  
DI  "C3'" "C2'"  sing N N 89  
DI  "C3'" "H3'"  sing N N 90  
DI  "O3'" "HO3'" sing N N 91  
DI  "C2'" "C1'"  sing N N 92  
DI  "C2'" "H2'"  sing N N 93  
DI  "C2'" "H2''" sing N N 94  
DI  "C1'" N9     sing N N 95  
DI  "C1'" "H1'"  sing N N 96  
DI  N9    C8     sing Y N 97  
DI  N9    C4     sing Y N 98  
DI  C8    N7     doub Y N 99  
DI  C8    H8     sing N N 100 
DI  N7    C5     sing Y N 101 
DI  C5    C6     sing N N 102 
DI  C5    C4     doub Y N 103 
DI  C6    O6     doub N N 104 
DI  C6    N1     sing N N 105 
DI  N1    C2     sing N N 106 
DI  N1    H1     sing N N 107 
DI  C2    N3     doub N N 108 
DI  C2    H2     sing N N 109 
DI  N3    C4     sing N N 110 
DMY C1    O1     doub N N 111 
DMY C1    N1     sing N N 112 
DMY C1    H1     sing N N 113 
DMY N1    C2     sing N N 114 
DMY N1    HN1    sing N N 115 
DMY C2    C3     sing Y N 116 
DMY C2    C5     doub Y N 117 
DMY C3    C4     doub Y N 118 
DMY C3    H3     sing N N 119 
DMY C4    N2     sing Y N 120 
DMY C4    C7     sing N N 121 
DMY N2    C5     sing Y N 122 
DMY N2    C6     sing N N 123 
DMY C5    H5     sing N N 124 
DMY C6    H61    sing N N 125 
DMY C6    H62    sing N N 126 
DMY C6    H63    sing N N 127 
DMY C7    O2     doub N N 128 
DMY C7    N3     sing N N 129 
DMY N3    C8     sing N N 130 
DMY N3    HN3    sing N N 131 
DMY C8    C9     sing Y N 132 
DMY C8    C11    doub Y N 133 
DMY C9    C10    doub Y N 134 
DMY C9    H9     sing N N 135 
DMY C10   N4     sing Y N 136 
DMY C10   C13    sing N N 137 
DMY N4    C11    sing Y N 138 
DMY N4    C12    sing N N 139 
DMY C11   H11    sing N N 140 
DMY C12   H121   sing N N 141 
DMY C12   H122   sing N N 142 
DMY C12   H123   sing N N 143 
DMY C13   O3     doub N N 144 
DMY C13   N5     sing N N 145 
DMY N5    C14    sing N N 146 
DMY N5    HN5    sing N N 147 
DMY C14   C15    sing Y N 148 
DMY C14   C17    doub Y N 149 
DMY C15   C16    doub Y N 150 
DMY C15   H15    sing N N 151 
DMY C16   N6     sing Y N 152 
DMY C16   C19    sing N N 153 
DMY N6    C17    sing Y N 154 
DMY N6    C18    sing N N 155 
DMY C17   H17    sing N N 156 
DMY C18   H181   sing N N 157 
DMY C18   H182   sing N N 158 
DMY C18   H183   sing N N 159 
DMY C19   O4     doub N N 160 
DMY C19   N7     sing N N 161 
DMY N7    C20    sing N N 162 
DMY N7    HN7    sing N N 163 
DMY C20   C21    sing N N 164 
DMY C20   H201   sing N N 165 
DMY C20   H202   sing N N 166 
DMY C21   C22    sing N N 167 
DMY C21   H211   sing N N 168 
DMY C21   H212   sing N N 169 
DMY C22   N8     doub N N 170 
DMY C22   N9     sing N N 171 
DMY N8    HN8    sing N N 172 
DMY N9    HN91   sing N N 173 
DMY N9    HN92   sing N N 174 
DT  OP3   P      sing N N 175 
DT  OP3   HOP3   sing N N 176 
DT  P     OP1    doub N N 177 
DT  P     OP2    sing N N 178 
DT  P     "O5'"  sing N N 179 
DT  OP2   HOP2   sing N N 180 
DT  "O5'" "C5'"  sing N N 181 
DT  "C5'" "C4'"  sing N N 182 
DT  "C5'" "H5'"  sing N N 183 
DT  "C5'" "H5''" sing N N 184 
DT  "C4'" "O4'"  sing N N 185 
DT  "C4'" "C3'"  sing N N 186 
DT  "C4'" "H4'"  sing N N 187 
DT  "O4'" "C1'"  sing N N 188 
DT  "C3'" "O3'"  sing N N 189 
DT  "C3'" "C2'"  sing N N 190 
DT  "C3'" "H3'"  sing N N 191 
DT  "O3'" "HO3'" sing N N 192 
DT  "C2'" "C1'"  sing N N 193 
DT  "C2'" "H2'"  sing N N 194 
DT  "C2'" "H2''" sing N N 195 
DT  "C1'" N1     sing N N 196 
DT  "C1'" "H1'"  sing N N 197 
DT  N1    C2     sing N N 198 
DT  N1    C6     sing N N 199 
DT  C2    O2     doub N N 200 
DT  C2    N3     sing N N 201 
DT  N3    C4     sing N N 202 
DT  N3    H3     sing N N 203 
DT  C4    O4     doub N N 204 
DT  C4    C5     sing N N 205 
DT  C5    C7     sing N N 206 
DT  C5    C6     doub N N 207 
DT  C7    H71    sing N N 208 
DT  C7    H72    sing N N 209 
DT  C7    H73    sing N N 210 
DT  C6    H6     sing N N 211 
HOH O     H1     sing N N 212 
HOH O     H2     sing N N 213 
# 
_ndb_struct_conf_na.entry_id   304D 
_ndb_struct_conf_na.feature    'double helix' 
# 
loop_
_ndb_struct_na_base_pair.model_number 
_ndb_struct_na_base_pair.i_label_asym_id 
_ndb_struct_na_base_pair.i_label_comp_id 
_ndb_struct_na_base_pair.i_label_seq_id 
_ndb_struct_na_base_pair.i_symmetry 
_ndb_struct_na_base_pair.j_label_asym_id 
_ndb_struct_na_base_pair.j_label_comp_id 
_ndb_struct_na_base_pair.j_label_seq_id 
_ndb_struct_na_base_pair.j_symmetry 
_ndb_struct_na_base_pair.shear 
_ndb_struct_na_base_pair.stretch 
_ndb_struct_na_base_pair.stagger 
_ndb_struct_na_base_pair.buckle 
_ndb_struct_na_base_pair.propeller 
_ndb_struct_na_base_pair.opening 
_ndb_struct_na_base_pair.pair_number 
_ndb_struct_na_base_pair.pair_name 
_ndb_struct_na_base_pair.i_auth_asym_id 
_ndb_struct_na_base_pair.i_auth_seq_id 
_ndb_struct_na_base_pair.i_PDB_ins_code 
_ndb_struct_na_base_pair.j_auth_asym_id 
_ndb_struct_na_base_pair.j_auth_seq_id 
_ndb_struct_na_base_pair.j_PDB_ins_code 
_ndb_struct_na_base_pair.hbond_type_28 
_ndb_struct_na_base_pair.hbond_type_12 
1 A DA 3 1_555 A DT 6 2_555 0.439  -0.013 0.000  2.809  -4.182 0.608  1 A_DA3:DT6_A A 3 ? A 6 ? 20 1 
1 A DT 4 1_555 A DA 5 2_555 0.314  -0.030 -0.415 5.094  -5.337 -1.470 2 A_DT4:DA5_A A 4 ? A 5 ? 20 1 
1 A DA 5 1_555 A DT 4 2_555 -0.314 -0.030 -0.415 -5.094 -5.337 -1.470 3 A_DA5:DT4_A A 5 ? A 4 ? 20 1 
1 A DT 6 1_555 A DA 3 2_555 -0.439 -0.013 0.000  -2.809 -4.182 0.608  4 A_DT6:DA3_A A 6 ? A 3 ? 20 1 
# 
loop_
_ndb_struct_na_base_pair_step.model_number 
_ndb_struct_na_base_pair_step.i_label_asym_id_1 
_ndb_struct_na_base_pair_step.i_label_comp_id_1 
_ndb_struct_na_base_pair_step.i_label_seq_id_1 
_ndb_struct_na_base_pair_step.i_symmetry_1 
_ndb_struct_na_base_pair_step.j_label_asym_id_1 
_ndb_struct_na_base_pair_step.j_label_comp_id_1 
_ndb_struct_na_base_pair_step.j_label_seq_id_1 
_ndb_struct_na_base_pair_step.j_symmetry_1 
_ndb_struct_na_base_pair_step.i_label_asym_id_2 
_ndb_struct_na_base_pair_step.i_label_comp_id_2 
_ndb_struct_na_base_pair_step.i_label_seq_id_2 
_ndb_struct_na_base_pair_step.i_symmetry_2 
_ndb_struct_na_base_pair_step.j_label_asym_id_2 
_ndb_struct_na_base_pair_step.j_label_comp_id_2 
_ndb_struct_na_base_pair_step.j_label_seq_id_2 
_ndb_struct_na_base_pair_step.j_symmetry_2 
_ndb_struct_na_base_pair_step.shift 
_ndb_struct_na_base_pair_step.slide 
_ndb_struct_na_base_pair_step.rise 
_ndb_struct_na_base_pair_step.tilt 
_ndb_struct_na_base_pair_step.roll 
_ndb_struct_na_base_pair_step.twist 
_ndb_struct_na_base_pair_step.x_displacement 
_ndb_struct_na_base_pair_step.y_displacement 
_ndb_struct_na_base_pair_step.helical_rise 
_ndb_struct_na_base_pair_step.inclination 
_ndb_struct_na_base_pair_step.tip 
_ndb_struct_na_base_pair_step.helical_twist 
_ndb_struct_na_base_pair_step.step_number 
_ndb_struct_na_base_pair_step.step_name 
_ndb_struct_na_base_pair_step.i_auth_asym_id_1 
_ndb_struct_na_base_pair_step.i_auth_seq_id_1 
_ndb_struct_na_base_pair_step.i_PDB_ins_code_1 
_ndb_struct_na_base_pair_step.j_auth_asym_id_1 
_ndb_struct_na_base_pair_step.j_auth_seq_id_1 
_ndb_struct_na_base_pair_step.j_PDB_ins_code_1 
_ndb_struct_na_base_pair_step.i_auth_asym_id_2 
_ndb_struct_na_base_pair_step.i_auth_seq_id_2 
_ndb_struct_na_base_pair_step.i_PDB_ins_code_2 
_ndb_struct_na_base_pair_step.j_auth_asym_id_2 
_ndb_struct_na_base_pair_step.j_auth_seq_id_2 
_ndb_struct_na_base_pair_step.j_PDB_ins_code_2 
1 A DA 3 1_555 A DT 6 2_555 A DT 4 1_555 A DA 5 2_555 -0.068 0.251 3.329 5.609  4.131  24.934 -0.612 1.743  3.235 9.338  -12.679 
25.874 1 AA_DA3DT4:DA5DT6_AA A 3 ? A 6 ? A 4 ? A 5 ? 
1 A DT 4 1_555 A DA 5 2_555 A DA 5 1_555 A DT 4 2_555 0.000  3.348 3.572 0.000  -3.672 45.437 4.661  0.000  3.306 -4.745 0.000   
45.577 2 AA_DT4DA5:DT4DA5_AA A 4 ? A 5 ? A 5 ? A 4 ? 
1 A DA 5 1_555 A DT 4 2_555 A DT 6 1_555 A DA 3 2_555 0.068  0.251 3.329 -5.609 4.131  24.934 -0.612 -1.743 3.235 9.338  12.679  
25.874 3 AA_DA5DT6:DA3DT4_AA A 5 ? A 4 ? A 6 ? A 3 ? 
# 
_pdbx_initial_refinement_model.accession_code   159D 
_pdbx_initial_refinement_model.id               1 
_pdbx_initial_refinement_model.entity_id_list   ? 
_pdbx_initial_refinement_model.type             'experimental model' 
_pdbx_initial_refinement_model.source_name      PDB 
_pdbx_initial_refinement_model.details          GDHB25 
# 
_atom_sites.entry_id                    304D 
_atom_sites.fract_transf_matrix[1][1]   -0.00692875 
_atom_sites.fract_transf_matrix[1][2]   0.03371413 
_atom_sites.fract_transf_matrix[1][3]   0.00479362 
_atom_sites.fract_transf_matrix[2][1]   -0.03558522 
_atom_sites.fract_transf_matrix[2][2]   -0.00934851 
_atom_sites.fract_transf_matrix[2][3]   0.01431395 
_atom_sites.fract_transf_matrix[3][1]   0.00950583 
_atom_sites.fract_transf_matrix[3][2]   0.01843720 
_atom_sites.fract_transf_matrix[3][3]   0.03567340 
_atom_sites.fract_transf_vector[1]      0.056633 
_atom_sites.fract_transf_vector[2]      -0.021813 
_atom_sites.fract_transf_vector[3]      0.053489 
# 
loop_
_atom_type.symbol 
C 
N 
O 
P 
# 
loop_
_atom_site.group_PDB 
_atom_site.id 
_atom_site.type_symbol 
_atom_site.label_atom_id 
_atom_site.label_alt_id 
_atom_site.label_comp_id 
_atom_site.label_asym_id 
_atom_site.label_entity_id 
_atom_site.label_seq_id 
_atom_site.pdbx_PDB_ins_code 
_atom_site.Cartn_x 
_atom_site.Cartn_y 
_atom_site.Cartn_z 
_atom_site.occupancy 
_atom_site.B_iso_or_equiv 
_atom_site.pdbx_formal_charge 
_atom_site.auth_seq_id 
_atom_site.auth_comp_id 
_atom_site.auth_asym_id 
_atom_site.auth_atom_id 
_atom_site.pdbx_PDB_model_num 
ATOM   1   O "O5'" . DI  A 1 1 ? -3.007 -8.309  15.804  1.00 10.10 ? 1  DI  A "O5'" 1 
ATOM   2   C "C5'" . DI  A 1 1 ? -1.919 -7.690  15.115  1.00 8.71  ? 1  DI  A "C5'" 1 
ATOM   3   C "C4'" . DI  A 1 1 ? -2.244 -6.218  14.806  1.00 8.53  ? 1  DI  A "C4'" 1 
ATOM   4   O "O4'" . DI  A 1 1 ? -1.058 -5.546  14.412  1.00 7.73  ? 1  DI  A "O4'" 1 
ATOM   5   C "C3'" . DI  A 1 1 ? -3.244 -6.061  13.649  1.00 9.23  ? 1  DI  A "C3'" 1 
ATOM   6   O "O3'" . DI  A 1 1 ? -3.948 -4.890  14.043  1.00 9.67  ? 1  DI  A "O3'" 1 
ATOM   7   C "C2'" . DI  A 1 1 ? -2.293 -5.902  12.443  1.00 8.19  ? 1  DI  A "C2'" 1 
ATOM   8   C "C1'" . DI  A 1 1 ? -1.179 -5.059  13.048  1.00 7.99  ? 1  DI  A "C1'" 1 
ATOM   9   N N9    . DI  A 1 1 ? 0.121  -5.235  12.389  1.00 7.80  ? 1  DI  A N9    1 
ATOM   10  C C8    . DI  A 1 1 ? 0.861  -6.397  12.408  1.00 8.46  ? 1  DI  A C8    1 
ATOM   11  N N7    . DI  A 1 1 ? 2.080  -6.244  11.968  1.00 8.76  ? 1  DI  A N7    1 
ATOM   12  C C5    . DI  A 1 1 ? 2.223  -4.855  11.901  1.00 8.10  ? 1  DI  A C5    1 
ATOM   13  C C6    . DI  A 1 1 ? 3.297  -4.093  11.400  1.00 7.86  ? 1  DI  A C6    1 
ATOM   14  O O6    . DI  A 1 1 ? 4.386  -4.522  11.014  1.00 9.66  ? 1  DI  A O6    1 
ATOM   15  N N1    . DI  A 1 1 ? 2.999  -2.772  11.300  1.00 6.25  ? 1  DI  A N1    1 
ATOM   16  C C2    . DI  A 1 1 ? 1.801  -2.204  11.610  1.00 5.74  ? 1  DI  A C2    1 
ATOM   17  N N3    . DI  A 1 1 ? 0.805  -2.900  12.113  1.00 6.56  ? 1  DI  A N3    1 
ATOM   18  C C4    . DI  A 1 1 ? 1.042  -4.229  12.159  1.00 7.23  ? 1  DI  A C4    1 
ATOM   19  P P     . DC  A 1 2 ? -5.163 -4.176  13.292  1.00 11.56 ? 2  DC  A P     1 
ATOM   20  O OP1   . DC  A 1 2 ? -6.058 -3.235  14.010  1.00 13.73 ? 2  DC  A OP1   1 
ATOM   21  O OP2   . DC  A 1 2 ? -5.651 -5.270  12.402  1.00 12.68 ? 2  DC  A OP2   1 
ATOM   22  O "O5'" . DC  A 1 2 ? -3.992 -3.379  12.617  1.00 10.62 ? 2  DC  A "O5'" 1 
ATOM   23  C "C5'" . DC  A 1 2 ? -4.266 -2.962  11.326  1.00 9.17  ? 2  DC  A "C5'" 1 
ATOM   24  C "C4'" . DC  A 1 2 ? -3.434 -1.743  10.984  1.00 8.60  ? 2  DC  A "C4'" 1 
ATOM   25  O "O4'" . DC  A 1 2 ? -2.046 -2.163  10.814  1.00 7.96  ? 2  DC  A "O4'" 1 
ATOM   26  C "C3'" . DC  A 1 2 ? -4.021 -1.380  9.661   1.00 7.53  ? 2  DC  A "C3'" 1 
ATOM   27  O "O3'" . DC  A 1 2 ? -3.992 -0.002  9.295   1.00 8.57  ? 2  DC  A "O3'" 1 
ATOM   28  C "C2'" . DC  A 1 2 ? -3.141 -2.226  8.803   1.00 7.82  ? 2  DC  A "C2'" 1 
ATOM   29  C "C1'" . DC  A 1 2 ? -1.785 -2.114  9.415   1.00 6.41  ? 2  DC  A "C1'" 1 
ATOM   30  N N1    . DC  A 1 2 ? -0.912 -3.189  8.934   1.00 3.62  ? 2  DC  A N1    1 
ATOM   31  C C2    . DC  A 1 2 ? 0.368  -2.840  8.585   1.00 2.78  ? 2  DC  A C2    1 
ATOM   32  O O2    . DC  A 1 2 ? 0.690  -1.676  8.382   1.00 2.33  ? 2  DC  A O2    1 
ATOM   33  N N3    . DC  A 1 2 ? 1.282  -3.818  8.424   1.00 2.90  ? 2  DC  A N3    1 
ATOM   34  C C4    . DC  A 1 2 ? 0.934  -5.112  8.558   1.00 3.44  ? 2  DC  A C4    1 
ATOM   35  N N4    . DC  A 1 2 ? 1.846  -6.077  8.342   1.00 2.31  ? 2  DC  A N4    1 
ATOM   36  C C5    . DC  A 1 2 ? -0.404 -5.484  8.925   1.00 3.83  ? 2  DC  A C5    1 
ATOM   37  C C6    . DC  A 1 2 ? -1.307 -4.490  9.002   1.00 3.65  ? 2  DC  A C6    1 
ATOM   38  P P     . DA  A 1 3 ? -5.436 0.561   8.877   1.00 8.06  ? 3  DA  A P     1 
ATOM   39  O OP1   . DA  A 1 3 ? -5.706 1.053   10.232  1.00 10.02 ? 3  DA  A OP1   1 
ATOM   40  O OP2   . DA  A 1 3 ? -6.488 -0.064  8.080   1.00 8.31  ? 3  DA  A OP2   1 
ATOM   41  O "O5'" . DA  A 1 3 ? -4.687 1.730   8.014   1.00 7.72  ? 3  DA  A "O5'" 1 
ATOM   42  C "C5'" . DA  A 1 3 ? -3.867 2.794   8.501   1.00 8.91  ? 3  DA  A "C5'" 1 
ATOM   43  C "C4'" . DA  A 1 3 ? -2.976 3.363   7.421   1.00 9.03  ? 3  DA  A "C4'" 1 
ATOM   44  O "O4'" . DA  A 1 3 ? -2.034 2.392   6.961   1.00 8.59  ? 3  DA  A "O4'" 1 
ATOM   45  C "C3'" . DA  A 1 3 ? -3.820 3.729   6.204   1.00 9.96  ? 3  DA  A "C3'" 1 
ATOM   46  O "O3'" . DA  A 1 3 ? -3.520 5.118   5.937   1.00 10.60 ? 3  DA  A "O3'" 1 
ATOM   47  C "C2'" . DA  A 1 3 ? -3.542 2.681   5.117   1.00 9.01  ? 3  DA  A "C2'" 1 
ATOM   48  C "C1'" . DA  A 1 3 ? -2.163 2.147   5.544   1.00 9.21  ? 3  DA  A "C1'" 1 
ATOM   49  N N9    . DA  A 1 3 ? -2.095 0.717   5.384   1.00 7.98  ? 3  DA  A N9    1 
ATOM   50  C C8    . DA  A 1 3 ? -2.975 -0.225  5.848   1.00 7.50  ? 3  DA  A C8    1 
ATOM   51  N N7    . DA  A 1 3 ? -2.519 -1.420  5.854   1.00 7.31  ? 3  DA  A N7    1 
ATOM   52  C C5    . DA  A 1 3 ? -1.207 -1.251  5.399   1.00 6.77  ? 3  DA  A C5    1 
ATOM   53  C C6    . DA  A 1 3 ? -0.187 -2.148  5.152   1.00 6.54  ? 3  DA  A C6    1 
ATOM   54  N N6    . DA  A 1 3 ? -0.384 -3.435  5.343   1.00 5.00  ? 3  DA  A N6    1 
ATOM   55  N N1    . DA  A 1 3 ? 1.018  -1.673  4.748   1.00 6.19  ? 3  DA  A N1    1 
ATOM   56  C C2    . DA  A 1 3 ? 1.115  -0.379  4.493   1.00 6.64  ? 3  DA  A C2    1 
ATOM   57  N N3    . DA  A 1 3 ? 0.178  0.551   4.539   1.00 7.53  ? 3  DA  A N3    1 
ATOM   58  C C4    . DA  A 1 3 ? -0.946 0.048   5.106   1.00 7.71  ? 3  DA  A C4    1 
ATOM   59  P P     . DT  A 1 4 ? -3.893 5.850   4.611   1.00 11.89 ? 4  DT  A P     1 
ATOM   60  O OP1   . DT  A 1 4 ? -3.574 7.293   4.770   1.00 10.12 ? 4  DT  A OP1   1 
ATOM   61  O OP2   . DT  A 1 4 ? -5.295 5.314   4.629   1.00 11.02 ? 4  DT  A OP2   1 
ATOM   62  O "O5'" . DT  A 1 4 ? -3.119 5.225   3.373   1.00 11.55 ? 4  DT  A "O5'" 1 
ATOM   63  C "C5'" . DT  A 1 4 ? -1.729 5.445   3.130   1.00 11.24 ? 4  DT  A "C5'" 1 
ATOM   64  C "C4'" . DT  A 1 4 ? -1.326 4.654   1.898   1.00 10.69 ? 4  DT  A "C4'" 1 
ATOM   65  O "O4'" . DT  A 1 4 ? -1.324 3.230   2.155   1.00 11.43 ? 4  DT  A "O4'" 1 
ATOM   66  C "C3'" . DT  A 1 4 ? -2.270 4.889   0.723   1.00 10.37 ? 4  DT  A "C3'" 1 
ATOM   67  O "O3'" . DT  A 1 4 ? -1.529 5.283   -0.425  1.00 9.38  ? 4  DT  A "O3'" 1 
ATOM   68  C "C2'" . DT  A 1 4 ? -2.853 3.493   0.512   1.00 10.23 ? 4  DT  A "C2'" 1 
ATOM   69  C "C1'" . DT  A 1 4 ? -1.735 2.599   0.928   1.00 10.71 ? 4  DT  A "C1'" 1 
ATOM   70  N N1    . DT  A 1 4 ? -2.114 1.206   1.207   1.00 10.47 ? 4  DT  A N1    1 
ATOM   71  C C2    . DT  A 1 4 ? -1.118 0.242   1.157   1.00 10.54 ? 4  DT  A C2    1 
ATOM   72  O O2    . DT  A 1 4 ? -0.034 0.358   0.594   1.00 11.35 ? 4  DT  A O2    1 
ATOM   73  N N3    . DT  A 1 4 ? -1.420 -0.968  1.724   1.00 10.38 ? 4  DT  A N3    1 
ATOM   74  C C4    . DT  A 1 4 ? -2.654 -1.392  2.180   1.00 10.14 ? 4  DT  A C4    1 
ATOM   75  O O4    . DT  A 1 4 ? -2.776 -2.537  2.616   1.00 9.97  ? 4  DT  A O4    1 
ATOM   76  C C5    . DT  A 1 4 ? -3.664 -0.366  2.103   1.00 10.95 ? 4  DT  A C5    1 
ATOM   77  C C7    . DT  A 1 4 ? -5.095 -0.665  2.526   1.00 11.51 ? 4  DT  A C7    1 
ATOM   78  C C6    . DT  A 1 4 ? -3.367 0.873   1.642   1.00 10.63 ? 4  DT  A C6    1 
ATOM   79  P P     . DA  A 1 5 ? -1.901 6.585   -1.289  1.00 10.09 ? 5  DA  A P     1 
ATOM   80  O OP1   . DA  A 1 5 ? -1.810 7.635   -0.266  1.00 9.34  ? 5  DA  A OP1   1 
ATOM   81  O OP2   . DA  A 1 5 ? -3.156 6.514   -2.098  1.00 9.60  ? 5  DA  A OP2   1 
ATOM   82  O "O5'" . DA  A 1 5 ? -0.669 6.766   -2.279  1.00 10.06 ? 5  DA  A "O5'" 1 
ATOM   83  C "C5'" . DA  A 1 5 ? 0.624  6.877   -1.704  1.00 9.90  ? 5  DA  A "C5'" 1 
ATOM   84  C "C4'" . DA  A 1 5 ? 1.599  6.013   -2.457  1.00 10.23 ? 5  DA  A "C4'" 1 
ATOM   85  O "O4'" . DA  A 1 5 ? 1.226  4.637   -2.398  1.00 10.62 ? 5  DA  A "O4'" 1 
ATOM   86  C "C3'" . DA  A 1 5 ? 1.709  6.357   -3.917  1.00 10.43 ? 5  DA  A "C3'" 1 
ATOM   87  O "O3'" . DA  A 1 5 ? 3.108  6.231   -4.238  1.00 11.09 ? 5  DA  A "O3'" 1 
ATOM   88  C "C2'" . DA  A 1 5 ? 0.788  5.325   -4.573  1.00 9.64  ? 5  DA  A "C2'" 1 
ATOM   89  C "C1'" . DA  A 1 5 ? 0.851  4.107   -3.684  1.00 8.45  ? 5  DA  A "C1'" 1 
ATOM   90  N N9    . DA  A 1 5 ? -0.419 3.404   -3.481  1.00 6.95  ? 5  DA  A N9    1 
ATOM   91  C C8    . DA  A 1 5 ? -1.664 3.922   -3.256  1.00 5.70  ? 5  DA  A C8    1 
ATOM   92  N N7    . DA  A 1 5 ? -2.545 3.054   -2.879  1.00 5.27  ? 5  DA  A N7    1 
ATOM   93  C C5    . DA  A 1 5 ? -1.832 1.867   -2.785  1.00 5.49  ? 5  DA  A C5    1 
ATOM   94  C C6    . DA  A 1 5 ? -2.201 0.595   -2.353  1.00 5.87  ? 5  DA  A C6    1 
ATOM   95  N N6    . DA  A 1 5 ? -3.430 0.325   -1.953  1.00 6.33  ? 5  DA  A N6    1 
ATOM   96  N N1    . DA  A 1 5 ? -1.234 -0.337  -2.274  1.00 6.82  ? 5  DA  A N1    1 
ATOM   97  C C2    . DA  A 1 5 ? 0.002  -0.008  -2.666  1.00 6.71  ? 5  DA  A C2    1 
ATOM   98  N N3    . DA  A 1 5 ? 0.453  1.162   -3.108  1.00 6.01  ? 5  DA  A N3    1 
ATOM   99  C C4    . DA  A 1 5 ? -0.514 2.085   -3.048  1.00 6.20  ? 5  DA  A C4    1 
ATOM   100 P P     . DT  A 1 6 ? 3.599  6.419   -5.770  1.00 12.69 ? 6  DT  A P     1 
ATOM   101 O OP1   . DT  A 1 6 ? 5.005  6.871   -5.535  1.00 12.66 ? 6  DT  A OP1   1 
ATOM   102 O OP2   . DT  A 1 6 ? 2.593  7.303   -6.374  1.00 9.43  ? 6  DT  A OP2   1 
ATOM   103 O "O5'" . DT  A 1 6 ? 3.531  5.023   -6.500  1.00 10.15 ? 6  DT  A "O5'" 1 
ATOM   104 C "C5'" . DT  A 1 6 ? 4.380  3.971   -6.165  1.00 10.44 ? 6  DT  A "C5'" 1 
ATOM   105 C "C4'" . DT  A 1 6 ? 3.773  2.713   -6.689  1.00 8.98  ? 6  DT  A "C4'" 1 
ATOM   106 O "O4'" . DT  A 1 6 ? 2.485  2.478   -6.118  1.00 8.37  ? 6  DT  A "O4'" 1 
ATOM   107 C "C3'" . DT  A 1 6 ? 3.603  2.820   -8.197  1.00 9.04  ? 6  DT  A "C3'" 1 
ATOM   108 O "O3'" . DT  A 1 6 ? 4.694  2.032   -8.677  1.00 9.58  ? 6  DT  A "O3'" 1 
ATOM   109 C "C2'" . DT  A 1 6 ? 2.212  2.257   -8.419  1.00 7.64  ? 6  DT  A "C2'" 1 
ATOM   110 C "C1'" . DT  A 1 6 ? 1.836  1.667   -7.076  1.00 7.45  ? 6  DT  A "C1'" 1 
ATOM   111 N N1    . DT  A 1 6 ? 0.403  1.623   -6.809  1.00 6.43  ? 6  DT  A N1    1 
ATOM   112 C C2    . DT  A 1 6 ? -0.140 0.396   -6.490  1.00 5.47  ? 6  DT  A C2    1 
ATOM   113 O O2    . DT  A 1 6 ? 0.468  -0.647  -6.583  1.00 4.21  ? 6  DT  A O2    1 
ATOM   114 N N3    . DT  A 1 6 ? -1.462 0.381   -6.080  1.00 4.91  ? 6  DT  A N3    1 
ATOM   115 C C4    . DT  A 1 6 ? -2.308 1.496   -6.059  1.00 4.70  ? 6  DT  A C4    1 
ATOM   116 O O4    . DT  A 1 6 ? -3.489 1.367   -5.718  1.00 4.02  ? 6  DT  A O4    1 
ATOM   117 C C5    . DT  A 1 6 ? -1.652 2.726   -6.465  1.00 5.11  ? 6  DT  A C5    1 
ATOM   118 C C7    . DT  A 1 6 ? -2.413 4.026   -6.523  1.00 2.99  ? 6  DT  A C7    1 
ATOM   119 C C6    . DT  A 1 6 ? -0.342 2.745   -6.804  1.00 5.34  ? 6  DT  A C6    1 
ATOM   120 P P     . DI  A 1 7 ? 4.876  1.791   -10.209 1.00 11.13 ? 7  DI  A P     1 
ATOM   121 O OP1   . DI  A 1 7 ? 6.346  1.638   -10.227 1.00 10.57 ? 7  DI  A OP1   1 
ATOM   122 O OP2   . DI  A 1 7 ? 4.203  2.843   -10.994 1.00 12.00 ? 7  DI  A OP2   1 
ATOM   123 O "O5'" . DI  A 1 7 ? 4.213  0.435   -10.697 1.00 9.51  ? 7  DI  A "O5'" 1 
ATOM   124 C "C5'" . DI  A 1 7 ? 4.572  -0.852  -10.120 1.00 9.01  ? 7  DI  A "C5'" 1 
ATOM   125 C "C4'" . DI  A 1 7 ? 3.397  -1.828  -10.217 1.00 7.81  ? 7  DI  A "C4'" 1 
ATOM   126 O "O4'" . DI  A 1 7 ? 2.248  -1.141  -9.672  1.00 7.34  ? 7  DI  A "O4'" 1 
ATOM   127 C "C3'" . DI  A 1 7 ? 3.051  -2.052  -11.636 1.00 7.93  ? 7  DI  A "C3'" 1 
ATOM   128 O "O3'" . DI  A 1 7 ? 3.371  -3.385  -12.089 1.00 8.81  ? 7  DI  A "O3'" 1 
ATOM   129 C "C2'" . DI  A 1 7 ? 1.562  -1.687  -11.702 1.00 7.39  ? 7  DI  A "C2'" 1 
ATOM   130 C "C1'" . DI  A 1 7 ? 1.030  -1.523  -10.297 1.00 5.99  ? 7  DI  A "C1'" 1 
ATOM   131 N N9    . DI  A 1 7 ? -0.017 -0.444  -10.142 1.00 3.60  ? 7  DI  A N9    1 
ATOM   132 C C8    . DI  A 1 7 ? -0.002 0.863   -10.601 1.00 3.24  ? 7  DI  A C8    1 
ATOM   133 N N7    . DI  A 1 7 ? -1.080 1.538   -10.303 1.00 2.61  ? 7  DI  A N7    1 
ATOM   134 C C5    . DI  A 1 7 ? -1.900 0.631   -9.643  1.00 2.72  ? 7  DI  A C5    1 
ATOM   135 C C6    . DI  A 1 7 ? -3.231 0.771   -9.162  1.00 2.43  ? 7  DI  A C6    1 
ATOM   136 O O6    . DI  A 1 7 ? -3.912 1.800   -9.091  1.00 4.03  ? 7  DI  A O6    1 
ATOM   137 N N1    . DI  A 1 7 ? -3.737 -0.417  -8.699  1.00 2.03  ? 7  DI  A N1    1 
ATOM   138 C C2    . DI  A 1 7 ? -3.104 -1.618  -8.783  1.00 2.00  ? 7  DI  A C2    1 
ATOM   139 N N3    . DI  A 1 7 ? -1.843 -1.740  -9.150  1.00 2.36  ? 7  DI  A N3    1 
ATOM   140 C C4    . DI  A 1 7 ? -1.286 -0.598  -9.586  1.00 2.60  ? 7  DI  A C4    1 
ATOM   141 P P     . DC  A 1 8 ? 3.071  -3.947  -13.659 1.00 9.22  ? 8  DC  A P     1 
ATOM   142 O OP1   . DC  A 1 8 ? 4.453  -4.267  -13.266 1.00 10.61 ? 8  DC  A OP1   1 
ATOM   143 O OP2   . DC  A 1 8 ? 2.666  -2.659  -14.253 1.00 10.13 ? 8  DC  A OP2   1 
ATOM   144 O "O5'" . DC  A 1 8 ? 1.979  -4.639  -12.702 1.00 9.41  ? 8  DC  A "O5'" 1 
ATOM   145 C "C5'" . DC  A 1 8 ? 1.190  -5.608  -13.360 1.00 9.16  ? 8  DC  A "C5'" 1 
ATOM   146 C "C4'" . DC  A 1 8 ? -0.136 -5.880  -12.739 1.00 7.90  ? 8  DC  A "C4'" 1 
ATOM   147 O "O4'" . DC  A 1 8 ? -0.717 -4.631  -12.309 1.00 7.05  ? 8  DC  A "O4'" 1 
ATOM   148 C "C3'" . DC  A 1 8 ? -1.054 -6.512  -13.805 1.00 6.96  ? 8  DC  A "C3'" 1 
ATOM   149 O "O3'" . DC  A 1 8 ? -1.783 -7.551  -13.101 1.00 6.77  ? 8  DC  A "O3'" 1 
ATOM   150 C "C2'" . DC  A 1 8 ? -1.870 -5.239  -14.215 1.00 7.01  ? 8  DC  A "C2'" 1 
ATOM   151 C "C1'" . DC  A 1 8 ? -1.988 -4.512  -12.881 1.00 6.05  ? 8  DC  A "C1'" 1 
ATOM   152 N N1    . DC  A 1 8 ? -2.331 -3.098  -12.861 1.00 5.08  ? 8  DC  A N1    1 
ATOM   153 C C2    . DC  A 1 8 ? -3.543 -2.746  -12.274 1.00 5.34  ? 8  DC  A C2    1 
ATOM   154 O O2    . DC  A 1 8 ? -4.297 -3.593  -11.769 1.00 5.98  ? 8  DC  A O2    1 
ATOM   155 N N3    . DC  A 1 8 ? -3.858 -1.419  -12.209 1.00 4.76  ? 8  DC  A N3    1 
ATOM   156 C C4    . DC  A 1 8 ? -3.035 -0.488  -12.730 1.00 4.35  ? 8  DC  A C4    1 
ATOM   157 N N4    . DC  A 1 8 ? -3.437 0.778   -12.779 1.00 5.50  ? 8  DC  A N4    1 
ATOM   158 C C5    . DC  A 1 8 ? -1.769 -0.834  -13.289 1.00 4.82  ? 8  DC  A C5    1 
ATOM   159 C C6    . DC  A 1 8 ? -1.482 -2.156  -13.395 1.00 5.17  ? 8  DC  A C6    1 
HETATM 160 C C1    . DMY B 2 . ? 1.174  -6.089  -5.096  1.00 5.25  ? 9  DMY A C1    1 
HETATM 161 O O1    . DMY B 2 . ? 1.889  -6.935  -5.627  1.00 3.99  ? 9  DMY A O1    1 
HETATM 162 N N1    . DMY B 2 . ? 1.554  -5.077  -4.306  1.00 5.16  ? 9  DMY A N1    1 
HETATM 163 C C2    . DMY B 2 . ? 2.839  -4.824  -4.038  1.00 5.74  ? 9  DMY A C2    1 
HETATM 164 C C3    . DMY B 2 . ? 3.301  -3.851  -3.169  1.00 5.56  ? 9  DMY A C3    1 
HETATM 165 C C4    . DMY B 2 . ? 4.655  -3.736  -3.308  1.00 5.22  ? 9  DMY A C4    1 
HETATM 166 N N2    . DMY B 2 . ? 5.083  -4.608  -4.257  1.00 6.58  ? 9  DMY A N2    1 
HETATM 167 C C5    . DMY B 2 . ? 4.017  -5.261  -4.735  1.00 6.28  ? 9  DMY A C5    1 
HETATM 168 C C6    . DMY B 2 . ? 6.515  -5.082  -4.546  1.00 7.25  ? 9  DMY A C6    1 
HETATM 169 C C7    . DMY B 2 . ? 5.490  -2.756  -2.733  1.00 5.26  ? 9  DMY A C7    1 
HETATM 170 O O2    . DMY B 2 . ? 6.573  -2.508  -3.271  1.00 5.55  ? 9  DMY A O2    1 
HETATM 171 N N3    . DMY B 2 . ? 4.996  -2.182  -1.601  1.00 3.95  ? 9  DMY A N3    1 
HETATM 172 C C8    . DMY B 2 . ? 5.569  -1.064  -1.092  1.00 4.72  ? 9  DMY A C8    1 
HETATM 173 C C9    . DMY B 2 . ? 5.190  -0.388  0.051   1.00 4.42  ? 9  DMY A C9    1 
HETATM 174 C C10   . DMY B 2 . ? 6.047  0.690   0.233   1.00 5.70  ? 9  DMY A C10   1 
HETATM 175 N N4    . DMY B 2 . ? 6.928  0.730   -0.778  1.00 5.38  ? 9  DMY A N4    1 
HETATM 176 C C11   . DMY B 2 . ? 6.672  -0.291  -1.588  1.00 4.71  ? 9  DMY A C11   1 
HETATM 177 C C12   . DMY B 2 . ? 8.163  1.585   -0.970  1.00 5.60  ? 9  DMY A C12   1 
HETATM 178 C C13   . DMY B 2 . ? 5.998  1.688   1.240   1.00 6.46  ? 9  DMY A C13   1 
HETATM 179 O O3    . DMY B 2 . ? 6.597  2.772   1.115   1.00 8.29  ? 9  DMY A O3    1 
HETATM 180 N N5    . DMY B 2 . ? 5.220  1.311   2.284   1.00 5.86  ? 9  DMY A N5    1 
HETATM 181 C C14   . DMY B 2 . ? 4.872  2.152   3.279   1.00 6.36  ? 9  DMY A C14   1 
HETATM 182 C C15   . DMY B 2 . ? 4.083  1.852   4.376   1.00 6.53  ? 9  DMY A C15   1 
HETATM 183 C C16   . DMY B 2 . ? 3.990  2.963   5.184   1.00 6.10  ? 9  DMY A C16   1 
HETATM 184 N N6    . DMY B 2 . ? 4.659  3.974   4.590   1.00 6.49  ? 9  DMY A N6    1 
HETATM 185 C C17   . DMY B 2 . ? 5.223  3.517   3.475   1.00 6.17  ? 9  DMY A C17   1 
HETATM 186 C C18   . DMY B 2 . ? 4.574  5.494   4.857   1.00 6.25  ? 9  DMY A C18   1 
HETATM 187 C C19   . DMY B 2 . ? 3.306  3.095   6.428   1.00 5.94  ? 9  DMY A C19   1 
HETATM 188 O O4    . DMY B 2 . ? 2.952  4.181   6.918   1.00 7.35  ? 9  DMY A O4    1 
HETATM 189 N N7    . DMY B 2 . ? 3.112  1.942   7.084   1.00 4.49  ? 9  DMY A N7    1 
HETATM 190 C C20   . DMY B 2 . ? 2.332  1.950   8.319   1.00 3.44  ? 9  DMY A C20   1 
HETATM 191 C C21   . DMY B 2 . ? 0.848  2.135   8.082   1.00 2.78  ? 9  DMY A C21   1 
HETATM 192 C C22   . DMY B 2 . ? -0.056 1.917   9.280   1.00 2.34  ? 9  DMY A C22   1 
HETATM 193 N N8    . DMY B 2 . ? -0.566 2.988   9.830   1.00 2.00  ? 9  DMY A N8    1 
HETATM 194 N N9    . DMY B 2 . ? -0.345 0.720   9.764   1.00 2.88  ? 9  DMY A N9    1 
HETATM 195 O O     . HOH C 3 . ? 1.412  8.746   -9.881  1.00 5.63  ? 10 HOH A O     1 
HETATM 196 O O     . HOH C 3 . ? -0.275 5.848   8.761   1.00 6.21  ? 11 HOH A O     1 
HETATM 197 O O     . HOH C 3 . ? 6.056  -9.927  11.137  1.00 6.80  ? 12 HOH A O     1 
HETATM 198 O O     . HOH C 3 . ? -3.173 -10.064 12.395  1.00 8.97  ? 13 HOH A O     1 
HETATM 199 O O     . HOH C 3 . ? -1.158 -9.310  10.834  1.00 10.34 ? 14 HOH A O     1 
HETATM 200 O O     . HOH C 3 . ? -0.126 0.033   12.436  1.00 13.16 ? 15 HOH A O     1 
HETATM 201 O O     . HOH C 3 . ? -4.986 -6.626  10.244  1.00 13.74 ? 16 HOH A O     1 
HETATM 202 O O     . HOH C 3 . ? -7.560 4.966   6.724   1.00 14.90 ? 17 HOH A O     1 
HETATM 203 O O     . HOH C 3 . ? -5.326 5.775   8.431   1.00 15.06 ? 18 HOH A O     1 
HETATM 204 O O     . HOH C 3 . ? -3.152 -11.042 -12.840 1.00 15.44 ? 19 HOH A O     1 
HETATM 205 O O     . HOH C 3 . ? 0.885  -9.080  8.845   1.00 16.02 ? 20 HOH A O     1 
HETATM 206 O O     . HOH C 3 . ? -4.904 4.510   -3.183  1.00 17.93 ? 21 HOH A O     1 
HETATM 207 O O     . HOH C 3 . ? -3.028 8.841   1.851   1.00 18.15 ? 22 HOH A O     1 
HETATM 208 O O     . HOH C 3 . ? 4.517  5.327   -10.819 1.00 18.96 ? 23 HOH A O     1 
HETATM 209 O O     . HOH C 3 . ? 1.154  -10.026 12.286  1.00 20.37 ? 24 HOH A O     1 
HETATM 210 O O     . HOH C 3 . ? 10.828 3.168   0.370   1.00 20.74 ? 25 HOH A O     1 
HETATM 211 O O     . HOH C 3 . ? -5.457 6.069   -0.842  1.00 21.68 ? 26 HOH A O     1 
HETATM 212 O O     . HOH C 3 . ? 7.674  4.142   -6.810  1.00 22.05 ? 27 HOH A O     1 
HETATM 213 O O     . HOH C 3 . ? 4.296  -8.473  12.434  1.00 23.60 ? 28 HOH A O     1 
HETATM 214 O O     . HOH C 3 . ? -1.369 9.966   6.564   1.00 23.64 ? 29 HOH A O     1 
HETATM 215 O O     . HOH C 3 . ? -4.016 -8.304  -11.683 1.00 25.07 ? 30 HOH A O     1 
HETATM 216 O O     . HOH C 3 . ? -7.758 6.042   3.104   1.00 25.26 ? 31 HOH A O     1 
HETATM 217 O O     . HOH C 3 . ? -3.211 -5.574  6.170   1.00 25.29 ? 32 HOH A O     1 
HETATM 218 O O     . HOH C 3 . ? -2.108 7.458   7.561   1.00 25.42 ? 33 HOH A O     1 
HETATM 219 O O     . HOH C 3 . ? -2.351 7.235   -5.365  1.00 25.63 ? 34 HOH A O     1 
HETATM 220 O O     . HOH C 3 . ? 5.439  -0.881  -14.807 1.00 29.02 ? 35 HOH A O     1 
HETATM 221 O O     . HOH C 3 . ? -7.542 0.075   12.523  1.00 29.07 ? 36 HOH A O     1 
HETATM 222 O O     . HOH C 3 . ? -2.507 0.942   13.727  1.00 29.33 ? 37 HOH A O     1 
HETATM 223 O O     . HOH C 3 . ? 1.641  3.164   -12.211 1.00 29.42 ? 38 HOH A O     1 
HETATM 224 O O     . HOH C 3 . ? 2.142  2.526   -15.316 1.00 29.48 ? 39 HOH A O     1 
HETATM 225 O O     . HOH C 3 . ? 0.684  6.059   5.880   1.00 31.26 ? 40 HOH A O     1 
HETATM 226 O O     . HOH C 3 . ? 6.474  -4.813  -11.865 1.00 31.34 ? 41 HOH A O     1 
HETATM 227 O O     . HOH C 3 . ? -1.126 9.529   3.702   1.00 31.60 ? 42 HOH A O     1 
HETATM 228 O O     . HOH C 3 . ? -2.401 9.235   -7.603  1.00 34.46 ? 43 HOH A O     1 
HETATM 229 O O     . HOH C 3 . ? 4.151  -7.104  -12.935 1.00 35.49 ? 44 HOH A O     1 
HETATM 230 O O     . HOH C 3 . ? 0.866  0.655   -13.881 1.00 36.27 ? 45 HOH A O     1 
HETATM 231 O O     . HOH C 3 . ? 8.868  5.288   1.526   1.00 37.45 ? 46 HOH A O     1 
HETATM 232 O O     . HOH C 3 . ? 0.432  9.214   -5.760  1.00 44.11 ? 47 HOH A O     1 
HETATM 233 O O     . HOH C 3 . ? -4.349 -4.786  3.652   1.00 44.49 ? 48 HOH A O     1 
HETATM 234 O O     . HOH C 3 . ? -1.678 -13.273 -12.959 1.00 46.73 ? 49 HOH A O     1 
HETATM 235 O O     . HOH C 3 . ? -6.210 2.741   -4.742  1.00 48.02 ? 50 HOH A O     1 
HETATM 236 O O     . HOH C 3 . ? 8.771  2.162   -8.860  1.00 53.02 ? 51 HOH A O     1 
HETATM 237 O O     . HOH C 3 . ? -7.092 7.896   8.141   1.00 54.26 ? 52 HOH A O     1 
# 
